data_2FNJ
#
_entry.id   2FNJ
#
_cell.length_a   50.308
_cell.length_b   82.489
_cell.length_c   118.966
_cell.angle_alpha   90.00
_cell.angle_beta   90.00
_cell.angle_gamma   90.00
#
_symmetry.space_group_name_H-M   'P 21 21 21'
#
loop_
_entity.id
_entity.type
_entity.pdbx_description
1 polymer 'CG2944-PF, isoform F'
2 polymer 'Transcription elongation factor B polypeptide 2'
3 polymer 'Transcription elongation factor B polypeptide 1'
4 water water
#
loop_
_entity_poly.entity_id
_entity_poly.type
_entity_poly.pdbx_seq_one_letter_code
_entity_poly.pdbx_strand_id
1 'polypeptide(L)'
;MRELQADFVKPARIDILLDMPPASRDLQLKHSWNSEDRSLNIFVKEDDKLTFHRHPVAQSTDCIRGKVGLTKGLHIWEIY
WPTRQRGTHAVVGVCTADAPLHSVGYQSLVGSTEQSWGWDLGRNKLYHDSKNCAGVTYPAILKNDEAFLVPDKFLVALDM
DEGTLSFIVDQQYLGIAFRGLRGKKLYPIVSAVWGHCEITMRYIGGLDPEPLPLMDLCRRTIRQKI
;
A
2 'polypeptide(L)'
;MDVFLMIRRHKTTIFTDAKESSTVFELKRIVEGILKRPPEEQRLYKDDQLLDDGKTLGECGFTSQTARPQAPATVGLAFR
ADDTFEALRIEPFSSPPELPDVMKPQDSGGSANEQAVQ
;
B
3 'polypeptide(L)'
;MYVKLISSDGHEFIVKREHALTSGTIKAMLSGPGQFAENETNEVNFREIPSHVLSKVCMYFTYKVRYTNSSTEIPEFPIA
PEIALELLMAANFLDC
;
C
#
# COMPACT_ATOMS: atom_id res chain seq x y z
N PHE A 8 -2.19 -12.64 -11.79
CA PHE A 8 -2.88 -13.02 -10.52
C PHE A 8 -1.98 -12.78 -9.31
N VAL A 9 -1.19 -11.72 -9.37
CA VAL A 9 -0.26 -11.38 -8.28
C VAL A 9 -0.87 -10.35 -7.33
N LYS A 10 -0.94 -10.73 -6.05
CA LYS A 10 -1.50 -9.87 -5.01
C LYS A 10 -0.95 -8.46 -5.04
N PRO A 11 -1.84 -7.45 -5.07
CA PRO A 11 -1.32 -6.08 -5.07
C PRO A 11 -0.55 -5.82 -3.77
N ALA A 12 0.43 -4.92 -3.86
CA ALA A 12 1.29 -4.57 -2.74
C ALA A 12 0.69 -4.59 -1.33
N ARG A 13 -0.28 -3.72 -1.08
CA ARG A 13 -0.92 -3.63 0.24
C ARG A 13 -1.52 -4.95 0.75
N ILE A 14 -2.19 -5.66 -0.14
CA ILE A 14 -2.80 -6.94 0.24
C ILE A 14 -1.73 -7.95 0.62
N ASP A 15 -0.71 -8.07 -0.21
CA ASP A 15 0.38 -9.00 0.04
C ASP A 15 1.03 -8.73 1.39
N ILE A 16 1.33 -7.46 1.65
CA ILE A 16 1.95 -7.06 2.90
C ILE A 16 1.04 -7.30 4.09
N LEU A 17 -0.25 -7.00 3.92
CA LEU A 17 -1.20 -7.20 5.02
C LEU A 17 -1.28 -8.69 5.34
N LEU A 18 -1.24 -9.52 4.31
CA LEU A 18 -1.32 -10.97 4.51
C LEU A 18 -0.04 -11.57 5.10
N ASP A 19 1.05 -10.80 5.07
CA ASP A 19 2.30 -11.30 5.63
C ASP A 19 2.41 -10.90 7.11
N MET A 20 1.56 -9.98 7.52
CA MET A 20 1.56 -9.51 8.91
C MET A 20 0.81 -10.53 9.77
N PRO A 21 1.06 -10.54 11.09
CA PRO A 21 0.39 -11.49 11.98
C PRO A 21 -1.13 -11.32 11.95
N PRO A 22 -1.87 -12.43 11.81
CA PRO A 22 -3.34 -12.38 11.77
C PRO A 22 -3.96 -11.73 13.01
N ALA A 23 -5.07 -11.02 12.80
CA ALA A 23 -5.76 -10.34 13.89
C ALA A 23 -6.01 -11.26 15.08
N SER A 24 -5.90 -10.69 16.27
CA SER A 24 -6.10 -11.41 17.51
C SER A 24 -7.50 -12.02 17.57
N ARG A 25 -7.68 -12.96 18.50
CA ARG A 25 -8.97 -13.62 18.69
C ARG A 25 -10.04 -12.59 19.02
N ASP A 26 -9.63 -11.54 19.71
CA ASP A 26 -10.54 -10.47 20.12
C ASP A 26 -11.04 -9.68 18.92
N LEU A 27 -10.14 -9.35 18.00
CA LEU A 27 -10.51 -8.61 16.80
C LEU A 27 -11.44 -9.44 15.92
N GLN A 28 -11.22 -10.75 15.91
CA GLN A 28 -12.05 -11.65 15.10
C GLN A 28 -13.48 -11.62 15.58
N LEU A 29 -13.66 -11.54 16.89
CA LEU A 29 -14.99 -11.50 17.49
C LEU A 29 -15.69 -10.17 17.27
N LYS A 30 -14.92 -9.08 17.27
CA LYS A 30 -15.49 -7.76 17.06
C LYS A 30 -16.01 -7.61 15.64
N HIS A 31 -15.40 -8.33 14.71
CA HIS A 31 -15.78 -8.29 13.30
C HIS A 31 -16.56 -9.53 12.84
N SER A 32 -17.07 -10.30 13.80
CA SER A 32 -17.82 -11.51 13.47
C SER A 32 -19.27 -11.24 13.10
N TRP A 33 -20.01 -12.32 12.85
CA TRP A 33 -21.41 -12.22 12.49
C TRP A 33 -22.22 -11.55 13.58
N ASN A 34 -23.16 -10.70 13.19
CA ASN A 34 -24.02 -10.01 14.15
C ASN A 34 -25.31 -10.80 14.40
N SER A 35 -25.39 -11.46 15.55
CA SER A 35 -26.57 -12.26 15.87
C SER A 35 -27.84 -11.42 15.91
N GLU A 36 -27.69 -10.09 16.03
CA GLU A 36 -28.85 -9.22 16.07
C GLU A 36 -29.15 -8.55 14.72
N ASP A 37 -28.46 -9.01 13.68
CA ASP A 37 -28.65 -8.46 12.33
C ASP A 37 -28.63 -9.65 11.38
N ARG A 38 -29.68 -10.47 11.44
CA ARG A 38 -29.75 -11.68 10.63
C ARG A 38 -31.15 -12.12 10.19
N SER A 39 -31.17 -13.05 9.26
CA SER A 39 -32.41 -13.63 8.78
C SER A 39 -32.80 -14.53 9.95
N LEU A 40 -34.09 -14.69 10.22
CA LEU A 40 -34.49 -15.53 11.33
C LEU A 40 -34.49 -17.02 10.98
N ASN A 41 -33.79 -17.36 9.90
CA ASN A 41 -33.65 -18.75 9.49
C ASN A 41 -32.18 -19.11 9.71
N ILE A 42 -31.45 -18.18 10.31
CA ILE A 42 -30.03 -18.34 10.63
C ILE A 42 -29.80 -18.00 12.09
N PHE A 43 -28.84 -18.66 12.70
CA PHE A 43 -28.49 -18.38 14.09
C PHE A 43 -27.01 -18.56 14.29
N VAL A 44 -26.40 -17.69 15.09
CA VAL A 44 -24.98 -17.80 15.36
C VAL A 44 -24.79 -18.92 16.38
N LYS A 45 -23.81 -19.79 16.14
CA LYS A 45 -23.56 -20.90 17.05
C LYS A 45 -23.17 -20.39 18.43
N GLU A 46 -23.83 -20.90 19.46
CA GLU A 46 -23.54 -20.47 20.82
C GLU A 46 -22.12 -20.85 21.23
N ASP A 47 -21.66 -22.00 20.74
CA ASP A 47 -20.32 -22.49 21.04
C ASP A 47 -19.25 -21.96 20.10
N ASP A 48 -19.65 -21.24 19.06
CA ASP A 48 -18.71 -20.68 18.08
C ASP A 48 -19.29 -19.42 17.45
N LYS A 49 -19.05 -18.28 18.10
CA LYS A 49 -19.54 -16.98 17.64
C LYS A 49 -19.08 -16.53 16.26
N LEU A 50 -18.08 -17.20 15.71
CA LEU A 50 -17.56 -16.83 14.38
C LEU A 50 -18.29 -17.58 13.27
N THR A 51 -19.18 -18.50 13.66
CA THR A 51 -19.89 -19.32 12.69
C THR A 51 -21.41 -19.27 12.85
N PHE A 52 -22.12 -19.21 11.72
CA PHE A 52 -23.56 -19.19 11.77
C PHE A 52 -24.07 -20.49 11.16
N HIS A 53 -25.30 -20.85 11.50
CA HIS A 53 -25.93 -22.08 11.02
C HIS A 53 -27.27 -21.70 10.41
N ARG A 54 -27.58 -22.26 9.23
CA ARG A 54 -28.85 -21.98 8.57
C ARG A 54 -29.82 -23.14 8.74
N HIS A 55 -31.06 -22.83 9.12
CA HIS A 55 -32.09 -23.86 9.27
C HIS A 55 -32.43 -24.37 7.88
N PRO A 56 -32.75 -25.68 7.77
CA PRO A 56 -33.10 -26.32 6.50
C PRO A 56 -34.49 -25.95 5.97
N VAL A 57 -34.70 -24.64 5.79
CA VAL A 57 -35.96 -24.11 5.30
C VAL A 57 -36.04 -24.13 3.77
N ALA A 58 -37.10 -24.73 3.24
CA ALA A 58 -37.29 -24.81 1.79
C ALA A 58 -37.69 -23.47 1.20
N GLN A 59 -37.28 -23.23 -0.04
CA GLN A 59 -37.62 -21.99 -0.74
C GLN A 59 -37.34 -20.74 0.08
N SER A 60 -36.12 -20.64 0.59
CA SER A 60 -35.72 -19.52 1.42
C SER A 60 -34.24 -19.17 1.17
N THR A 61 -33.93 -17.88 1.06
CA THR A 61 -32.54 -17.46 0.90
C THR A 61 -32.28 -16.60 2.10
N ASP A 62 -31.17 -16.87 2.79
CA ASP A 62 -30.89 -16.15 4.03
C ASP A 62 -29.49 -15.59 4.17
N CYS A 63 -29.42 -14.42 4.79
CA CYS A 63 -28.16 -13.73 5.00
C CYS A 63 -28.01 -13.27 6.44
N ILE A 64 -26.82 -12.79 6.73
CA ILE A 64 -26.48 -12.25 8.03
C ILE A 64 -25.32 -11.30 7.79
N ARG A 65 -25.37 -10.13 8.44
CA ARG A 65 -24.31 -9.14 8.30
C ARG A 65 -23.30 -9.23 9.43
N GLY A 66 -22.09 -8.77 9.15
CA GLY A 66 -21.06 -8.76 10.17
C GLY A 66 -21.38 -7.61 11.11
N LYS A 67 -20.80 -7.60 12.30
CA LYS A 67 -21.05 -6.54 13.27
C LYS A 67 -20.56 -5.15 12.84
N VAL A 68 -19.36 -5.09 12.29
CA VAL A 68 -18.75 -3.82 11.89
C VAL A 68 -18.86 -3.37 10.43
N GLY A 69 -19.43 -2.19 10.23
CA GLY A 69 -19.55 -1.63 8.90
C GLY A 69 -18.24 -0.89 8.65
N LEU A 70 -17.60 -1.15 7.53
CA LEU A 70 -16.33 -0.50 7.21
C LEU A 70 -16.50 0.72 6.33
N THR A 71 -15.77 1.79 6.63
CA THR A 71 -15.86 3.02 5.85
C THR A 71 -14.51 3.46 5.28
N LYS A 72 -13.43 3.00 5.88
CA LYS A 72 -12.09 3.36 5.41
C LYS A 72 -11.11 2.23 5.65
N GLY A 73 -9.93 2.32 5.03
CA GLY A 73 -8.91 1.32 5.20
C GLY A 73 -9.08 0.03 4.42
N LEU A 74 -8.02 -0.77 4.36
CA LEU A 74 -8.05 -2.06 3.67
C LEU A 74 -8.35 -3.13 4.72
N HIS A 75 -9.33 -3.96 4.43
CA HIS A 75 -9.73 -5.02 5.35
C HIS A 75 -9.86 -6.34 4.64
N ILE A 76 -9.36 -7.40 5.27
CA ILE A 76 -9.44 -8.73 4.69
C ILE A 76 -9.97 -9.71 5.72
N TRP A 77 -10.90 -10.56 5.30
CA TRP A 77 -11.44 -11.57 6.19
C TRP A 77 -11.53 -12.88 5.43
N GLU A 78 -11.40 -13.96 6.18
CA GLU A 78 -11.44 -15.29 5.59
C GLU A 78 -12.82 -15.90 5.75
N ILE A 79 -13.30 -16.54 4.70
CA ILE A 79 -14.59 -17.21 4.76
C ILE A 79 -14.33 -18.70 4.66
N TYR A 80 -14.94 -19.46 5.55
CA TYR A 80 -14.82 -20.91 5.52
C TYR A 80 -16.25 -21.37 5.24
N TRP A 81 -16.47 -21.90 4.04
CA TRP A 81 -17.79 -22.35 3.61
C TRP A 81 -17.62 -23.69 2.92
N PRO A 82 -17.86 -24.80 3.64
CA PRO A 82 -17.73 -26.14 3.07
C PRO A 82 -18.37 -26.23 1.70
N THR A 83 -17.60 -26.65 0.70
CA THR A 83 -18.07 -26.75 -0.67
C THR A 83 -19.34 -27.59 -0.84
N ARG A 84 -19.55 -28.57 0.03
CA ARG A 84 -20.75 -29.39 -0.10
C ARG A 84 -21.95 -28.83 0.67
N GLN A 85 -21.82 -27.60 1.15
CA GLN A 85 -22.89 -26.93 1.88
C GLN A 85 -23.27 -25.62 1.20
N ARG A 86 -23.22 -25.63 -0.14
CA ARG A 86 -23.53 -24.43 -0.91
C ARG A 86 -24.82 -24.53 -1.70
N GLY A 87 -25.01 -25.65 -2.39
CA GLY A 87 -26.23 -25.81 -3.16
C GLY A 87 -26.33 -24.92 -4.39
N THR A 88 -27.57 -24.56 -4.73
CA THR A 88 -27.86 -23.76 -5.92
C THR A 88 -27.49 -22.28 -5.91
N HIS A 89 -27.39 -21.68 -4.72
CA HIS A 89 -27.08 -20.26 -4.64
C HIS A 89 -26.23 -19.91 -3.42
N ALA A 90 -24.93 -19.75 -3.62
CA ALA A 90 -24.02 -19.40 -2.54
C ALA A 90 -23.33 -18.10 -2.99
N VAL A 91 -23.59 -17.00 -2.29
CA VAL A 91 -22.99 -15.72 -2.65
C VAL A 91 -22.25 -15.06 -1.48
N VAL A 92 -21.08 -14.50 -1.75
CA VAL A 92 -20.28 -13.85 -0.71
C VAL A 92 -19.94 -12.41 -1.14
N GLY A 93 -20.07 -11.46 -0.22
CA GLY A 93 -19.74 -10.08 -0.59
C GLY A 93 -19.89 -9.06 0.52
N VAL A 94 -20.31 -7.86 0.16
CA VAL A 94 -20.50 -6.79 1.13
C VAL A 94 -21.85 -6.13 0.82
N CYS A 95 -22.36 -5.34 1.75
CA CYS A 95 -23.64 -4.66 1.55
C CYS A 95 -23.76 -3.47 2.48
N THR A 96 -24.80 -2.67 2.26
CA THR A 96 -25.04 -1.52 3.13
C THR A 96 -25.95 -2.05 4.24
N ALA A 97 -26.23 -1.21 5.23
CA ALA A 97 -27.08 -1.61 6.34
C ALA A 97 -28.52 -1.83 5.92
N ASP A 98 -28.87 -1.39 4.71
CA ASP A 98 -30.23 -1.50 4.20
C ASP A 98 -30.56 -2.71 3.34
N ALA A 99 -29.56 -3.50 2.98
CA ALA A 99 -29.80 -4.68 2.15
C ALA A 99 -30.65 -5.71 2.91
N PRO A 100 -31.71 -6.23 2.28
CA PRO A 100 -32.56 -7.22 2.94
C PRO A 100 -31.77 -8.50 3.24
N LEU A 101 -32.05 -9.14 4.36
CA LEU A 101 -31.34 -10.35 4.76
C LEU A 101 -32.09 -11.64 4.49
N HIS A 102 -33.32 -11.52 4.00
CA HIS A 102 -34.12 -12.71 3.72
C HIS A 102 -34.88 -12.57 2.42
N SER A 103 -35.16 -13.70 1.80
CA SER A 103 -35.90 -13.72 0.55
C SER A 103 -36.72 -15.01 0.45
N VAL A 104 -37.93 -14.92 -0.08
CA VAL A 104 -38.73 -16.13 -0.27
C VAL A 104 -38.29 -16.68 -1.62
N GLY A 105 -37.93 -17.96 -1.64
CA GLY A 105 -37.46 -18.56 -2.87
C GLY A 105 -35.93 -18.68 -2.84
N TYR A 106 -35.36 -19.51 -3.70
CA TYR A 106 -33.91 -19.69 -3.75
C TYR A 106 -33.32 -18.76 -4.80
N GLN A 107 -32.39 -17.91 -4.40
CA GLN A 107 -31.79 -16.98 -5.35
C GLN A 107 -30.47 -16.41 -4.85
N SER A 108 -29.78 -15.68 -5.72
CA SER A 108 -28.52 -15.06 -5.35
C SER A 108 -28.89 -13.71 -4.75
N LEU A 109 -29.36 -13.73 -3.50
CA LEU A 109 -29.81 -12.53 -2.81
C LEU A 109 -28.77 -11.43 -2.72
N VAL A 110 -27.55 -11.77 -2.31
CA VAL A 110 -26.51 -10.75 -2.22
C VAL A 110 -26.18 -10.32 -3.63
N GLY A 111 -26.28 -9.02 -3.89
CA GLY A 111 -26.00 -8.50 -5.21
C GLY A 111 -27.27 -8.33 -6.05
N SER A 112 -28.43 -8.64 -5.50
CA SER A 112 -29.70 -8.52 -6.24
C SER A 112 -30.22 -7.09 -6.34
N THR A 113 -29.75 -6.20 -5.48
CA THR A 113 -30.16 -4.79 -5.53
C THR A 113 -28.91 -3.92 -5.46
N GLU A 114 -29.09 -2.60 -5.48
CA GLU A 114 -27.96 -1.67 -5.44
C GLU A 114 -27.35 -1.62 -4.04
N GLN A 115 -27.96 -2.33 -3.10
CA GLN A 115 -27.51 -2.34 -1.71
C GLN A 115 -26.46 -3.38 -1.36
N SER A 116 -26.16 -4.28 -2.27
CA SER A 116 -25.16 -5.32 -2.01
C SER A 116 -24.33 -5.66 -3.24
N TRP A 117 -23.15 -6.23 -3.00
CA TRP A 117 -22.21 -6.61 -4.04
C TRP A 117 -21.74 -8.01 -3.69
N GLY A 118 -21.85 -8.96 -4.61
CA GLY A 118 -21.43 -10.30 -4.28
C GLY A 118 -20.93 -11.19 -5.40
N TRP A 119 -20.18 -12.20 -5.01
CA TRP A 119 -19.64 -13.19 -5.92
C TRP A 119 -20.37 -14.50 -5.68
N ASP A 120 -21.15 -14.92 -6.66
CA ASP A 120 -21.88 -16.19 -6.59
C ASP A 120 -20.82 -17.24 -6.87
N LEU A 121 -20.44 -17.98 -5.82
CA LEU A 121 -19.41 -19.01 -5.90
C LEU A 121 -19.62 -20.10 -6.94
N GLY A 122 -20.85 -20.57 -7.08
CA GLY A 122 -21.15 -21.63 -8.03
C GLY A 122 -21.17 -21.21 -9.50
N ARG A 123 -21.78 -20.07 -9.78
CA ARG A 123 -21.86 -19.58 -11.14
C ARG A 123 -20.62 -18.78 -11.53
N ASN A 124 -19.80 -18.43 -10.54
CA ASN A 124 -18.61 -17.63 -10.78
C ASN A 124 -19.07 -16.35 -11.45
N LYS A 125 -20.08 -15.74 -10.86
CA LYS A 125 -20.66 -14.51 -11.39
C LYS A 125 -20.66 -13.41 -10.33
N LEU A 126 -20.34 -12.18 -10.75
CA LEU A 126 -20.36 -11.06 -9.84
C LEU A 126 -21.70 -10.36 -10.01
N TYR A 127 -22.41 -10.13 -8.90
CA TYR A 127 -23.69 -9.47 -8.96
C TYR A 127 -23.78 -8.20 -8.13
N HIS A 128 -24.40 -7.19 -8.73
CA HIS A 128 -24.65 -5.91 -8.08
C HIS A 128 -25.85 -5.31 -8.79
N ASP A 129 -26.92 -5.10 -8.05
CA ASP A 129 -28.16 -4.58 -8.61
C ASP A 129 -28.52 -5.44 -9.82
N SER A 130 -28.43 -6.76 -9.64
CA SER A 130 -28.69 -7.73 -10.71
C SER A 130 -30.08 -7.71 -11.32
N LYS A 131 -31.02 -7.01 -10.70
CA LYS A 131 -32.35 -6.94 -11.28
C LYS A 131 -32.26 -6.04 -12.51
N ASN A 132 -31.26 -5.16 -12.49
CA ASN A 132 -31.05 -4.21 -13.58
C ASN A 132 -29.73 -4.36 -14.34
N CYS A 133 -28.77 -5.07 -13.75
CA CYS A 133 -27.47 -5.25 -14.39
C CYS A 133 -27.07 -6.73 -14.42
N ALA A 134 -26.71 -7.20 -15.60
CA ALA A 134 -26.31 -8.60 -15.77
C ALA A 134 -25.08 -8.93 -14.95
N GLY A 135 -24.95 -10.20 -14.57
CA GLY A 135 -23.80 -10.64 -13.81
C GLY A 135 -22.56 -10.66 -14.70
N VAL A 136 -21.38 -10.58 -14.09
CA VAL A 136 -20.12 -10.58 -14.81
C VAL A 136 -19.25 -11.75 -14.37
N THR A 137 -18.77 -12.55 -15.31
CA THR A 137 -17.93 -13.69 -14.99
C THR A 137 -16.68 -13.32 -14.21
N TYR A 138 -16.37 -14.10 -13.17
CA TYR A 138 -15.21 -13.84 -12.33
C TYR A 138 -14.77 -15.14 -11.65
N PRO A 139 -13.48 -15.51 -11.77
CA PRO A 139 -12.43 -14.78 -12.49
C PRO A 139 -12.68 -14.66 -13.99
N ALA A 140 -12.24 -13.54 -14.57
CA ALA A 140 -12.45 -13.26 -15.98
C ALA A 140 -11.84 -14.26 -16.97
N ILE A 141 -10.84 -15.00 -16.54
CA ILE A 141 -10.16 -15.97 -17.41
C ILE A 141 -11.00 -17.22 -17.77
N LEU A 142 -12.10 -17.44 -17.06
CA LEU A 142 -12.94 -18.60 -17.32
C LEU A 142 -13.51 -18.60 -18.75
N LYS A 143 -13.61 -19.77 -19.35
CA LYS A 143 -14.13 -19.89 -20.70
C LYS A 143 -15.10 -21.08 -20.78
N ASN A 144 -15.89 -21.12 -21.85
CA ASN A 144 -16.85 -22.20 -22.07
C ASN A 144 -17.79 -22.43 -20.88
N ASP A 145 -18.05 -21.37 -20.12
CA ASP A 145 -18.93 -21.47 -18.96
C ASP A 145 -18.47 -22.55 -17.99
N GLU A 146 -17.17 -22.80 -17.97
CA GLU A 146 -16.58 -23.80 -17.08
C GLU A 146 -16.63 -23.27 -15.65
N ALA A 147 -16.72 -24.19 -14.70
CA ALA A 147 -16.76 -23.81 -13.31
C ALA A 147 -15.38 -23.65 -12.72
N PHE A 148 -15.27 -22.71 -11.79
CA PHE A 148 -14.03 -22.47 -11.07
C PHE A 148 -14.50 -22.85 -9.67
N LEU A 149 -13.96 -23.94 -9.15
CA LEU A 149 -14.36 -24.42 -7.84
C LEU A 149 -13.67 -23.67 -6.71
N VAL A 150 -14.43 -22.82 -6.03
CA VAL A 150 -13.89 -22.06 -4.91
C VAL A 150 -13.84 -23.08 -3.76
N PRO A 151 -12.64 -23.30 -3.20
CA PRO A 151 -12.47 -24.26 -2.09
C PRO A 151 -13.11 -23.82 -0.79
N ASP A 152 -13.07 -24.69 0.21
CA ASP A 152 -13.63 -24.41 1.54
C ASP A 152 -13.29 -23.02 2.07
N LYS A 153 -12.02 -22.65 1.96
CA LYS A 153 -11.57 -21.36 2.46
C LYS A 153 -11.05 -20.44 1.36
N PHE A 154 -11.30 -19.16 1.53
CA PHE A 154 -10.86 -18.13 0.59
C PHE A 154 -10.93 -16.79 1.30
N LEU A 155 -10.25 -15.80 0.73
CA LEU A 155 -10.19 -14.48 1.33
C LEU A 155 -10.97 -13.39 0.61
N VAL A 156 -11.54 -12.49 1.39
CA VAL A 156 -12.30 -11.38 0.86
C VAL A 156 -11.52 -10.11 1.22
N ALA A 157 -11.18 -9.31 0.22
CA ALA A 157 -10.42 -8.09 0.47
C ALA A 157 -11.22 -6.85 0.09
N LEU A 158 -11.57 -6.06 1.09
CA LEU A 158 -12.33 -4.82 0.88
C LEU A 158 -11.44 -3.61 1.14
N ASP A 159 -11.18 -2.84 0.09
CA ASP A 159 -10.37 -1.64 0.20
C ASP A 159 -11.31 -0.45 0.17
N MET A 160 -11.61 0.12 1.33
CA MET A 160 -12.51 1.26 1.37
C MET A 160 -11.85 2.57 1.00
N ASP A 161 -10.54 2.54 0.78
CA ASP A 161 -9.81 3.75 0.40
C ASP A 161 -9.95 3.93 -1.10
N GLU A 162 -9.75 2.85 -1.84
CA GLU A 162 -9.88 2.88 -3.29
C GLU A 162 -11.29 2.47 -3.72
N GLY A 163 -12.06 1.93 -2.78
CA GLY A 163 -13.42 1.53 -3.08
C GLY A 163 -13.49 0.30 -3.96
N THR A 164 -12.75 -0.74 -3.58
CA THR A 164 -12.75 -1.96 -4.38
C THR A 164 -12.94 -3.20 -3.52
N LEU A 165 -13.41 -4.24 -4.19
CA LEU A 165 -13.63 -5.53 -3.55
C LEU A 165 -12.95 -6.57 -4.44
N SER A 166 -12.20 -7.47 -3.83
CA SER A 166 -11.52 -8.52 -4.58
C SER A 166 -11.41 -9.76 -3.72
N PHE A 167 -11.06 -10.89 -4.35
CA PHE A 167 -10.96 -12.14 -3.63
C PHE A 167 -9.62 -12.83 -3.89
N ILE A 168 -9.16 -13.62 -2.91
CA ILE A 168 -7.93 -14.38 -3.02
C ILE A 168 -8.27 -15.84 -2.75
N VAL A 169 -7.86 -16.72 -3.66
CA VAL A 169 -8.12 -18.14 -3.51
C VAL A 169 -6.82 -18.91 -3.70
N ASP A 170 -6.50 -19.79 -2.75
CA ASP A 170 -5.27 -20.57 -2.84
C ASP A 170 -4.07 -19.64 -3.03
N GLN A 171 -4.08 -18.52 -2.33
CA GLN A 171 -3.01 -17.52 -2.39
C GLN A 171 -2.96 -16.75 -3.71
N GLN A 172 -3.90 -17.02 -4.60
CA GLN A 172 -3.92 -16.32 -5.87
C GLN A 172 -4.97 -15.22 -5.93
N TYR A 173 -4.50 -14.01 -6.21
CA TYR A 173 -5.35 -12.83 -6.32
C TYR A 173 -6.14 -13.01 -7.61
N LEU A 174 -7.46 -12.90 -7.53
CA LEU A 174 -8.32 -13.09 -8.71
C LEU A 174 -8.72 -11.79 -9.39
N GLY A 175 -8.13 -10.68 -8.95
CA GLY A 175 -8.43 -9.40 -9.56
C GLY A 175 -9.54 -8.62 -8.88
N ILE A 176 -9.67 -7.35 -9.28
CA ILE A 176 -10.70 -6.49 -8.73
C ILE A 176 -12.05 -7.02 -9.20
N ALA A 177 -12.99 -7.12 -8.26
CA ALA A 177 -14.33 -7.61 -8.60
C ALA A 177 -15.28 -6.42 -8.76
N PHE A 178 -15.27 -5.51 -7.81
CA PHE A 178 -16.12 -4.33 -7.85
C PHE A 178 -15.31 -3.08 -7.54
N ARG A 179 -15.77 -1.95 -8.05
CA ARG A 179 -15.16 -0.65 -7.82
C ARG A 179 -16.32 0.26 -7.41
N GLY A 180 -16.02 1.51 -7.08
CA GLY A 180 -17.05 2.46 -6.72
C GLY A 180 -17.62 2.37 -5.30
N LEU A 181 -16.85 1.79 -4.39
CA LEU A 181 -17.32 1.62 -3.01
C LEU A 181 -16.91 2.73 -2.03
N ARG A 182 -16.18 3.72 -2.52
CA ARG A 182 -15.74 4.81 -1.65
C ARG A 182 -16.90 5.63 -1.10
N GLY A 183 -16.78 6.02 0.17
CA GLY A 183 -17.80 6.83 0.81
C GLY A 183 -18.96 6.08 1.43
N LYS A 184 -18.97 4.76 1.31
CA LYS A 184 -20.05 3.95 1.87
C LYS A 184 -19.65 3.28 3.18
N LYS A 185 -20.61 2.65 3.84
CA LYS A 185 -20.35 1.92 5.07
C LYS A 185 -20.79 0.51 4.72
N LEU A 186 -19.82 -0.37 4.50
CA LEU A 186 -20.10 -1.73 4.08
C LEU A 186 -19.88 -2.83 5.10
N TYR A 187 -20.79 -3.80 5.11
CA TYR A 187 -20.74 -4.92 6.03
C TYR A 187 -20.53 -6.24 5.29
N PRO A 188 -19.75 -7.16 5.89
CA PRO A 188 -19.53 -8.45 5.23
C PRO A 188 -20.90 -9.14 5.24
N ILE A 189 -21.18 -9.94 4.23
CA ILE A 189 -22.46 -10.65 4.15
C ILE A 189 -22.35 -11.81 3.19
N VAL A 190 -23.26 -12.77 3.33
CA VAL A 190 -23.33 -13.91 2.41
C VAL A 190 -24.81 -14.25 2.33
N SER A 191 -25.24 -14.84 1.22
CA SER A 191 -26.62 -15.30 1.11
C SER A 191 -26.48 -16.81 0.92
N ALA A 192 -27.27 -17.59 1.65
CA ALA A 192 -27.20 -19.05 1.57
C ALA A 192 -28.57 -19.69 1.45
N VAL A 193 -28.61 -20.89 0.89
CA VAL A 193 -29.84 -21.63 0.69
C VAL A 193 -29.71 -23.07 1.16
N TRP A 194 -28.53 -23.45 1.62
CA TRP A 194 -28.29 -24.83 2.05
C TRP A 194 -28.71 -25.19 3.48
N GLY A 195 -29.57 -26.19 3.60
CA GLY A 195 -30.00 -26.61 4.93
C GLY A 195 -28.86 -27.10 5.80
N HIS A 196 -28.74 -26.48 6.98
CA HIS A 196 -27.70 -26.82 7.94
C HIS A 196 -26.30 -26.34 7.61
N CYS A 197 -26.15 -25.51 6.58
CA CYS A 197 -24.83 -25.02 6.26
C CYS A 197 -24.29 -24.18 7.41
N GLU A 198 -22.98 -24.19 7.57
CA GLU A 198 -22.33 -23.40 8.60
C GLU A 198 -21.17 -22.64 7.95
N ILE A 199 -21.23 -21.31 8.02
CA ILE A 199 -20.19 -20.47 7.44
C ILE A 199 -19.44 -19.74 8.55
N THR A 200 -18.11 -19.86 8.53
CA THR A 200 -17.27 -19.22 9.51
C THR A 200 -16.57 -18.03 8.88
N MET A 201 -16.51 -16.92 9.59
CA MET A 201 -15.83 -15.73 9.10
C MET A 201 -14.78 -15.31 10.13
N ARG A 202 -13.53 -15.33 9.71
CA ARG A 202 -12.43 -14.93 10.60
C ARG A 202 -11.76 -13.69 10.04
N TYR A 203 -11.92 -12.57 10.73
CA TYR A 203 -11.31 -11.32 10.32
C TYR A 203 -9.81 -11.55 10.31
N ILE A 204 -9.15 -11.18 9.22
CA ILE A 204 -7.70 -11.37 9.09
C ILE A 204 -6.90 -10.15 9.52
N GLY A 205 -7.32 -8.96 9.10
CA GLY A 205 -6.59 -7.77 9.47
C GLY A 205 -7.02 -6.52 8.71
N GLY A 206 -6.50 -5.38 9.17
CA GLY A 206 -6.83 -4.11 8.54
C GLY A 206 -5.56 -3.29 8.36
N LEU A 207 -5.54 -2.43 7.35
CA LEU A 207 -4.35 -1.63 7.09
C LEU A 207 -4.73 -0.20 6.68
N ASP A 208 -4.19 0.78 7.39
CA ASP A 208 -4.46 2.19 7.10
C ASP A 208 -3.81 2.57 5.78
N PRO A 209 -4.37 3.56 5.08
CA PRO A 209 -3.80 4.01 3.81
C PRO A 209 -2.58 4.92 3.93
N GLU A 210 -1.59 4.49 4.71
CA GLU A 210 -0.38 5.28 4.90
C GLU A 210 0.85 4.56 4.35
N PRO A 211 1.96 5.29 4.16
CA PRO A 211 3.17 4.65 3.64
C PRO A 211 3.57 3.47 4.52
N LEU A 212 3.84 2.33 3.91
CA LEU A 212 4.21 1.14 4.67
C LEU A 212 5.69 1.15 5.01
N PRO A 213 6.07 0.49 6.12
CA PRO A 213 7.48 0.45 6.51
C PRO A 213 8.37 -0.22 5.47
N LEU A 214 9.56 0.35 5.26
CA LEU A 214 10.52 -0.16 4.28
C LEU A 214 10.75 -1.66 4.47
N MET A 215 10.88 -2.10 5.72
CA MET A 215 11.08 -3.52 6.02
C MET A 215 10.04 -4.38 5.29
N ASP A 216 8.77 -4.01 5.44
CA ASP A 216 7.68 -4.78 4.82
C ASP A 216 7.69 -4.68 3.31
N LEU A 217 8.03 -3.50 2.80
CA LEU A 217 8.08 -3.31 1.35
C LEU A 217 9.16 -4.19 0.75
N CYS A 218 10.30 -4.31 1.43
CA CYS A 218 11.39 -5.14 0.92
C CYS A 218 11.02 -6.62 0.93
N ARG A 219 10.44 -7.09 2.03
CA ARG A 219 10.05 -8.50 2.12
C ARG A 219 9.05 -8.83 1.02
N ARG A 220 8.21 -7.86 0.67
CA ARG A 220 7.23 -8.07 -0.38
C ARG A 220 7.92 -8.25 -1.73
N THR A 221 8.88 -7.38 -2.03
CA THR A 221 9.61 -7.47 -3.29
C THR A 221 10.33 -8.80 -3.40
N ILE A 222 10.85 -9.28 -2.26
CA ILE A 222 11.57 -10.54 -2.22
C ILE A 222 10.63 -11.73 -2.45
N ARG A 223 9.47 -11.71 -1.81
CA ARG A 223 8.50 -12.79 -1.98
C ARG A 223 8.08 -12.96 -3.43
N GLN A 224 8.47 -12.01 -4.28
CA GLN A 224 8.15 -12.09 -5.70
C GLN A 224 9.24 -12.83 -6.46
N MET B 1 3.81 21.32 -7.56
CA MET B 1 4.62 22.56 -7.31
C MET B 1 5.99 22.25 -6.74
N ASP B 2 6.12 21.15 -5.99
CA ASP B 2 7.41 20.77 -5.40
C ASP B 2 8.19 19.79 -6.27
N VAL B 3 9.51 19.94 -6.28
CA VAL B 3 10.37 19.02 -6.99
C VAL B 3 11.31 18.48 -5.93
N PHE B 4 11.63 17.19 -6.00
CA PHE B 4 12.51 16.59 -5.01
C PHE B 4 13.84 16.28 -5.68
N LEU B 5 14.92 16.70 -5.04
CA LEU B 5 16.22 16.55 -5.65
C LEU B 5 17.30 15.98 -4.75
N MET B 6 18.44 15.71 -5.40
CA MET B 6 19.65 15.25 -4.76
C MET B 6 20.66 16.20 -5.40
N ILE B 7 21.29 17.04 -4.58
CA ILE B 7 22.29 17.96 -5.11
C ILE B 7 23.61 17.27 -4.85
N ARG B 8 24.32 16.92 -5.92
CA ARG B 8 25.54 16.16 -5.75
C ARG B 8 26.87 16.71 -6.26
N ARG B 9 27.91 16.51 -5.45
CA ARG B 9 29.28 16.92 -5.77
C ARG B 9 30.23 15.92 -5.12
N HIS B 10 31.15 15.36 -5.89
CA HIS B 10 32.11 14.38 -5.38
C HIS B 10 31.36 13.25 -4.65
N LYS B 11 31.55 13.13 -3.34
CA LYS B 11 30.86 12.10 -2.56
C LYS B 11 29.85 12.70 -1.58
N THR B 12 29.35 13.87 -1.93
CA THR B 12 28.37 14.58 -1.13
C THR B 12 27.03 14.56 -1.87
N THR B 13 25.97 14.23 -1.16
CA THR B 13 24.64 14.21 -1.77
C THR B 13 23.66 14.84 -0.78
N ILE B 14 23.05 15.95 -1.20
CA ILE B 14 22.08 16.65 -0.37
C ILE B 14 20.67 16.32 -0.84
N PHE B 15 19.83 15.84 0.08
CA PHE B 15 18.44 15.55 -0.26
C PHE B 15 17.60 16.75 0.13
N THR B 16 16.92 17.35 -0.85
CA THR B 16 16.09 18.48 -0.52
C THR B 16 15.03 18.68 -1.59
N ASP B 17 14.05 19.54 -1.29
CA ASP B 17 13.01 19.84 -2.25
C ASP B 17 12.96 21.35 -2.49
N ALA B 18 12.38 21.74 -3.62
CA ALA B 18 12.26 23.15 -3.97
C ALA B 18 11.02 23.30 -4.85
N LYS B 19 10.48 24.51 -4.92
CA LYS B 19 9.31 24.76 -5.75
C LYS B 19 9.79 24.74 -7.19
N GLU B 20 8.95 24.22 -8.08
CA GLU B 20 9.30 24.17 -9.49
C GLU B 20 9.51 25.58 -10.03
N SER B 21 8.84 26.55 -9.41
CA SER B 21 8.94 27.94 -9.83
C SER B 21 10.16 28.66 -9.27
N SER B 22 10.81 28.07 -8.26
CA SER B 22 11.99 28.70 -7.66
C SER B 22 13.13 28.72 -8.68
N THR B 23 14.11 29.58 -8.44
CA THR B 23 15.22 29.73 -9.38
C THR B 23 16.51 29.00 -9.04
N VAL B 24 17.34 28.83 -10.07
CA VAL B 24 18.64 28.19 -9.93
C VAL B 24 19.44 28.95 -8.88
N PHE B 25 19.33 30.28 -8.90
CA PHE B 25 20.06 31.08 -7.94
C PHE B 25 19.54 30.83 -6.53
N GLU B 26 18.23 30.70 -6.39
CA GLU B 26 17.64 30.45 -5.08
C GLU B 26 18.12 29.11 -4.52
N LEU B 27 18.32 28.15 -5.41
CA LEU B 27 18.79 26.83 -4.98
C LEU B 27 20.23 26.96 -4.47
N LYS B 28 21.02 27.80 -5.14
CA LYS B 28 22.40 28.01 -4.72
C LYS B 28 22.42 28.56 -3.31
N ARG B 29 21.43 29.39 -2.97
CA ARG B 29 21.34 29.95 -1.63
C ARG B 29 21.04 28.84 -0.64
N ILE B 30 20.28 27.84 -1.08
CA ILE B 30 19.96 26.70 -0.22
C ILE B 30 21.24 25.94 0.05
N VAL B 31 22.02 25.69 -1.00
CA VAL B 31 23.29 24.98 -0.88
C VAL B 31 24.26 25.78 -0.01
N GLU B 32 24.17 27.11 -0.08
CA GLU B 32 25.03 27.96 0.72
C GLU B 32 24.76 27.77 2.21
N GLY B 33 23.48 27.70 2.57
CA GLY B 33 23.14 27.51 3.97
C GLY B 33 23.55 26.15 4.49
N ILE B 34 23.72 25.19 3.59
CA ILE B 34 24.10 23.83 3.97
C ILE B 34 25.60 23.57 3.92
N LEU B 35 26.23 23.89 2.79
CA LEU B 35 27.65 23.65 2.61
C LEU B 35 28.55 24.86 2.87
N LYS B 36 27.93 26.00 3.19
CA LYS B 36 28.65 27.23 3.50
C LYS B 36 29.59 27.78 2.42
N ARG B 37 29.12 27.80 1.18
CA ARG B 37 29.88 28.34 0.06
C ARG B 37 28.89 29.25 -0.68
N PRO B 38 29.31 30.50 -0.98
CA PRO B 38 28.46 31.48 -1.68
C PRO B 38 28.08 31.08 -3.10
N PRO B 39 26.92 31.57 -3.58
CA PRO B 39 26.44 31.26 -4.93
C PRO B 39 27.46 31.49 -6.04
N GLU B 40 28.25 32.56 -5.91
CA GLU B 40 29.26 32.87 -6.91
C GLU B 40 30.36 31.80 -6.98
N GLU B 41 30.50 31.01 -5.91
CA GLU B 41 31.50 29.95 -5.86
C GLU B 41 30.82 28.63 -6.23
N GLN B 42 29.63 28.73 -6.81
CA GLN B 42 28.87 27.54 -7.19
C GLN B 42 28.46 27.50 -8.66
N ARG B 43 28.35 26.28 -9.18
CA ARG B 43 27.90 26.05 -10.54
C ARG B 43 26.98 24.86 -10.38
N LEU B 44 25.79 24.94 -10.95
CA LEU B 44 24.82 23.85 -10.86
C LEU B 44 24.53 23.34 -12.26
N TYR B 45 24.36 22.03 -12.39
CA TYR B 45 24.10 21.42 -13.68
C TYR B 45 22.95 20.43 -13.65
N LYS B 46 22.40 20.17 -14.84
CA LYS B 46 21.38 19.16 -15.00
C LYS B 46 22.12 18.34 -16.02
N ASP B 47 22.74 17.26 -15.57
CA ASP B 47 23.56 16.42 -16.42
C ASP B 47 24.80 17.24 -16.77
N ASP B 48 25.03 17.48 -18.06
CA ASP B 48 26.20 18.27 -18.45
C ASP B 48 25.85 19.72 -18.74
N GLN B 49 24.58 20.05 -18.66
CA GLN B 49 24.14 21.41 -18.92
C GLN B 49 24.23 22.33 -17.71
N LEU B 50 25.04 23.38 -17.84
CA LEU B 50 25.21 24.36 -16.77
C LEU B 50 23.90 25.13 -16.67
N LEU B 51 23.43 25.35 -15.44
CA LEU B 51 22.17 26.06 -15.22
C LEU B 51 22.37 27.56 -14.98
N ASP B 52 21.53 28.38 -15.60
CA ASP B 52 21.62 29.84 -15.44
C ASP B 52 20.84 30.29 -14.21
N ASP B 53 21.45 31.19 -13.43
CA ASP B 53 20.85 31.70 -12.20
C ASP B 53 19.42 32.24 -12.27
N GLY B 54 19.08 32.92 -13.36
CA GLY B 54 17.75 33.50 -13.46
C GLY B 54 16.61 32.59 -13.86
N LYS B 55 16.93 31.39 -14.34
CA LYS B 55 15.91 30.44 -14.75
C LYS B 55 15.26 29.74 -13.56
N THR B 56 14.02 29.31 -13.74
CA THR B 56 13.31 28.60 -12.68
C THR B 56 13.72 27.14 -12.84
N LEU B 57 13.55 26.34 -11.79
CA LEU B 57 13.93 24.94 -11.89
C LEU B 57 13.09 24.30 -12.98
N GLY B 58 11.82 24.69 -13.06
CA GLY B 58 10.95 24.14 -14.08
C GLY B 58 11.53 24.35 -15.47
N GLU B 59 12.00 25.57 -15.74
CA GLU B 59 12.60 25.89 -17.03
C GLU B 59 13.83 25.03 -17.30
N CYS B 60 14.48 24.57 -16.23
CA CYS B 60 15.67 23.75 -16.35
C CYS B 60 15.34 22.29 -16.65
N GLY B 61 14.09 21.91 -16.39
CA GLY B 61 13.68 20.54 -16.66
C GLY B 61 13.34 19.74 -15.42
N PHE B 62 13.28 20.42 -14.28
CA PHE B 62 12.96 19.74 -13.02
C PHE B 62 11.49 19.92 -12.69
N THR B 63 10.67 19.00 -13.19
CA THR B 63 9.23 19.04 -12.96
C THR B 63 8.81 18.06 -11.89
N SER B 64 7.68 18.32 -11.26
CA SER B 64 7.17 17.46 -10.21
C SER B 64 6.98 16.02 -10.68
N GLN B 65 6.81 15.85 -11.99
CA GLN B 65 6.60 14.51 -12.55
C GLN B 65 7.91 13.76 -12.74
N THR B 66 9.01 14.49 -12.86
CA THR B 66 10.31 13.88 -13.07
C THR B 66 11.26 14.04 -11.88
N ALA B 67 10.72 14.53 -10.77
CA ALA B 67 11.51 14.73 -9.56
C ALA B 67 10.63 14.43 -8.35
N ARG B 68 10.32 13.15 -8.17
CA ARG B 68 9.47 12.67 -7.08
C ARG B 68 10.24 12.31 -5.83
N PRO B 69 9.57 12.30 -4.67
CA PRO B 69 10.20 11.97 -3.38
C PRO B 69 10.94 10.63 -3.41
N GLN B 70 10.28 9.62 -3.98
CA GLN B 70 10.83 8.28 -4.07
C GLN B 70 11.87 8.09 -5.17
N ALA B 71 12.04 9.12 -6.00
CA ALA B 71 13.01 9.07 -7.10
C ALA B 71 13.40 10.49 -7.48
N PRO B 72 14.09 11.20 -6.58
CA PRO B 72 14.52 12.58 -6.80
C PRO B 72 15.41 12.79 -8.02
N ALA B 73 15.29 13.97 -8.62
CA ALA B 73 16.10 14.33 -9.78
C ALA B 73 17.46 14.79 -9.27
N THR B 74 18.50 14.62 -10.07
CA THR B 74 19.84 15.00 -9.66
C THR B 74 20.35 16.32 -10.21
N VAL B 75 20.91 17.14 -9.32
CA VAL B 75 21.50 18.42 -9.70
C VAL B 75 22.98 18.35 -9.38
N GLY B 76 23.82 18.50 -10.41
CA GLY B 76 25.25 18.46 -10.21
C GLY B 76 25.76 19.76 -9.64
N LEU B 77 26.85 19.70 -8.87
CA LEU B 77 27.41 20.88 -8.26
C LEU B 77 28.94 20.89 -8.35
N ALA B 78 29.50 22.07 -8.62
CA ALA B 78 30.94 22.25 -8.72
C ALA B 78 31.31 23.51 -7.97
N PHE B 79 32.35 23.45 -7.16
CA PHE B 79 32.79 24.61 -6.40
C PHE B 79 33.96 25.32 -7.06
N ARG B 80 34.15 26.58 -6.69
CA ARG B 80 35.24 27.36 -7.23
C ARG B 80 36.19 27.74 -6.10
N ALA B 81 37.47 27.44 -6.29
CA ALA B 81 38.50 27.76 -5.31
C ALA B 81 39.42 28.79 -5.94
N ASP B 82 39.18 30.07 -5.63
CA ASP B 82 39.99 31.16 -6.17
C ASP B 82 39.80 31.37 -7.67
N ASP B 83 38.73 32.07 -8.03
CA ASP B 83 38.39 32.39 -9.41
C ASP B 83 38.76 31.32 -10.44
N THR B 84 38.41 30.07 -10.12
CA THR B 84 38.68 28.95 -11.02
C THR B 84 37.83 27.75 -10.57
N PHE B 85 36.81 27.44 -11.36
CA PHE B 85 35.92 26.33 -11.04
C PHE B 85 36.47 24.95 -11.35
N GLU B 86 36.31 24.03 -10.41
CA GLU B 86 36.74 22.66 -10.59
C GLU B 86 35.81 22.13 -11.66
N ALA B 87 36.21 21.06 -12.34
CA ALA B 87 35.34 20.46 -13.34
C ALA B 87 34.24 19.76 -12.53
N LEU B 88 33.09 19.51 -13.16
CA LEU B 88 32.01 18.82 -12.44
C LEU B 88 32.40 17.37 -12.21
N ARG B 89 32.44 16.94 -10.95
CA ARG B 89 32.78 15.54 -10.65
C ARG B 89 31.84 14.95 -9.59
N ILE B 90 31.06 13.95 -9.97
CA ILE B 90 30.15 13.27 -9.06
C ILE B 90 30.56 11.80 -9.00
N GLU B 91 30.92 11.31 -7.82
CA GLU B 91 31.30 9.91 -7.69
C GLU B 91 30.04 9.05 -7.68
N PRO B 92 30.08 7.91 -8.37
CA PRO B 92 28.90 7.04 -8.39
C PRO B 92 28.72 6.28 -7.08
N PHE B 93 27.52 5.80 -6.84
CA PHE B 93 27.25 5.04 -5.65
C PHE B 93 27.77 3.64 -5.93
N SER B 94 27.93 2.84 -4.89
CA SER B 94 28.40 1.47 -5.05
C SER B 94 27.36 0.74 -5.90
N SER B 95 27.61 -0.54 -6.18
CA SER B 95 26.67 -1.32 -6.99
C SER B 95 26.29 -2.63 -6.32
N PRO B 96 25.08 -3.15 -6.62
CA PRO B 96 24.55 -4.39 -6.05
C PRO B 96 25.44 -5.61 -6.33
N PRO B 97 25.31 -6.66 -5.51
CA PRO B 97 26.07 -7.92 -5.57
C PRO B 97 26.03 -8.70 -6.88
N GLU B 98 25.10 -8.37 -7.77
CA GLU B 98 24.97 -9.06 -9.06
C GLU B 98 24.16 -10.35 -8.92
N MET C 1 18.53 21.18 11.85
CA MET C 1 17.81 21.13 10.54
C MET C 1 18.25 19.93 9.72
N TYR C 2 19.55 19.85 9.39
CA TYR C 2 20.06 18.72 8.61
C TYR C 2 21.01 17.84 9.42
N VAL C 3 21.14 16.58 8.99
CA VAL C 3 22.07 15.63 9.62
C VAL C 3 22.81 14.92 8.50
N LYS C 4 24.02 14.46 8.79
CA LYS C 4 24.83 13.77 7.79
C LYS C 4 24.87 12.27 8.05
N LEU C 5 24.46 11.48 7.06
CA LEU C 5 24.46 10.02 7.17
C LEU C 5 25.58 9.54 6.25
N ILE C 6 26.53 8.80 6.79
CA ILE C 6 27.68 8.36 6.02
C ILE C 6 27.70 6.85 5.75
N SER C 7 27.81 6.50 4.47
CA SER C 7 27.82 5.11 4.05
C SER C 7 29.18 4.43 4.28
N SER C 8 29.19 3.11 4.17
CA SER C 8 30.41 2.34 4.37
C SER C 8 31.51 2.75 3.38
N ASP C 9 31.09 3.11 2.17
CA ASP C 9 32.06 3.51 1.14
C ASP C 9 32.35 5.01 1.11
N GLY C 10 32.03 5.70 2.20
CA GLY C 10 32.33 7.12 2.29
C GLY C 10 31.42 8.18 1.70
N HIS C 11 30.22 7.82 1.27
CA HIS C 11 29.32 8.83 0.74
C HIS C 11 28.62 9.52 1.90
N GLU C 12 28.56 10.84 1.85
CA GLU C 12 27.91 11.61 2.89
C GLU C 12 26.55 12.08 2.38
N PHE C 13 25.48 11.66 3.04
CA PHE C 13 24.14 12.04 2.65
C PHE C 13 23.61 13.06 3.65
N ILE C 14 23.31 14.26 3.16
CA ILE C 14 22.81 15.32 4.02
C ILE C 14 21.30 15.38 3.88
N VAL C 15 20.59 15.00 4.94
CA VAL C 15 19.14 14.98 4.92
C VAL C 15 18.53 15.73 6.08
N LYS C 16 17.30 16.20 5.91
CA LYS C 16 16.63 16.94 6.97
C LYS C 16 16.49 16.02 8.19
N ARG C 17 16.79 16.55 9.37
CA ARG C 17 16.74 15.78 10.60
C ARG C 17 15.39 15.07 10.80
N GLU C 18 14.29 15.79 10.59
CA GLU C 18 12.96 15.19 10.76
C GLU C 18 12.79 13.96 9.87
N HIS C 19 13.34 14.04 8.66
CA HIS C 19 13.24 12.93 7.72
C HIS C 19 14.03 11.71 8.21
N ALA C 20 15.22 11.97 8.75
CA ALA C 20 16.09 10.92 9.25
C ALA C 20 15.47 10.22 10.45
N LEU C 21 14.62 10.92 11.20
CA LEU C 21 13.98 10.33 12.37
C LEU C 21 13.00 9.24 12.00
N THR C 22 12.76 9.06 10.70
CA THR C 22 11.87 8.02 10.23
C THR C 22 12.44 6.68 10.69
N SER C 23 13.75 6.64 10.82
CA SER C 23 14.45 5.44 11.27
C SER C 23 14.52 5.42 12.79
N GLY C 24 13.96 4.37 13.39
CA GLY C 24 13.99 4.26 14.84
C GLY C 24 15.41 4.25 15.37
N THR C 25 16.30 3.57 14.66
CA THR C 25 17.69 3.49 15.08
C THR C 25 18.39 4.85 15.06
N ILE C 26 18.24 5.59 13.97
CA ILE C 26 18.87 6.92 13.88
C ILE C 26 18.26 7.84 14.94
N LYS C 27 16.97 7.73 15.14
CA LYS C 27 16.28 8.55 16.14
C LYS C 27 16.95 8.34 17.50
N ALA C 28 17.17 7.07 17.85
CA ALA C 28 17.79 6.72 19.13
C ALA C 28 19.24 7.18 19.22
N MET C 29 19.96 7.12 18.11
CA MET C 29 21.37 7.53 18.07
C MET C 29 21.52 9.04 18.18
N LEU C 30 20.52 9.78 17.72
CA LEU C 30 20.56 11.24 17.75
C LEU C 30 20.09 11.79 19.09
N SER C 31 19.52 10.91 19.91
CA SER C 31 19.04 11.31 21.24
C SER C 31 20.13 11.15 22.27
N GLY C 32 20.63 9.92 22.40
CA GLY C 32 21.68 9.65 23.38
C GLY C 32 21.08 9.10 24.67
N PRO C 33 21.60 9.50 25.84
CA PRO C 33 21.09 9.02 27.13
C PRO C 33 19.60 9.28 27.31
N ASN C 42 24.82 16.96 13.66
CA ASN C 42 25.70 15.84 13.98
C ASN C 42 25.62 14.74 12.92
N GLU C 43 26.58 13.81 12.97
CA GLU C 43 26.68 12.73 12.00
C GLU C 43 26.29 11.34 12.52
N VAL C 44 26.11 10.43 11.57
CA VAL C 44 25.79 9.04 11.85
C VAL C 44 26.59 8.25 10.82
N ASN C 45 27.42 7.32 11.29
CA ASN C 45 28.26 6.53 10.40
C ASN C 45 27.76 5.09 10.31
N PHE C 46 27.81 4.51 9.12
CA PHE C 46 27.36 3.13 8.93
C PHE C 46 28.48 2.26 8.36
N ARG C 47 28.86 1.28 9.17
CA ARG C 47 29.93 0.34 8.83
C ARG C 47 29.58 -0.63 7.71
N GLU C 48 28.32 -1.03 7.64
CA GLU C 48 27.92 -2.01 6.65
C GLU C 48 26.81 -1.63 5.69
N ILE C 49 26.51 -0.35 5.56
CA ILE C 49 25.47 0.07 4.61
C ILE C 49 26.17 0.91 3.54
N PRO C 50 26.30 0.36 2.31
CA PRO C 50 26.94 1.03 1.18
C PRO C 50 26.05 2.11 0.59
N SER C 51 26.64 3.03 -0.17
CA SER C 51 25.91 4.14 -0.78
C SER C 51 24.70 3.79 -1.63
N HIS C 52 24.75 2.72 -2.42
CA HIS C 52 23.60 2.39 -3.24
C HIS C 52 22.40 1.98 -2.40
N VAL C 53 22.66 1.55 -1.17
CA VAL C 53 21.59 1.17 -0.25
C VAL C 53 21.17 2.40 0.58
N LEU C 54 22.14 3.12 1.13
CA LEU C 54 21.83 4.30 1.94
C LEU C 54 21.09 5.37 1.14
N SER C 55 21.45 5.53 -0.13
CA SER C 55 20.78 6.52 -0.97
C SER C 55 19.30 6.15 -1.07
N LYS C 56 19.03 4.87 -1.35
CA LYS C 56 17.67 4.36 -1.47
C LYS C 56 16.89 4.60 -0.18
N VAL C 57 17.55 4.35 0.94
CA VAL C 57 16.98 4.55 2.26
C VAL C 57 16.57 6.02 2.45
N CYS C 58 17.42 6.95 2.02
CA CYS C 58 17.10 8.36 2.18
C CYS C 58 15.88 8.71 1.34
N MET C 59 15.77 8.11 0.17
CA MET C 59 14.60 8.38 -0.67
C MET C 59 13.37 7.89 0.07
N TYR C 60 13.50 6.79 0.80
CA TYR C 60 12.37 6.27 1.55
C TYR C 60 11.97 7.29 2.63
N PHE C 61 12.96 7.90 3.26
CA PHE C 61 12.65 8.90 4.30
C PHE C 61 11.80 10.02 3.70
N THR C 62 12.20 10.50 2.51
CA THR C 62 11.51 11.59 1.84
C THR C 62 10.08 11.15 1.51
N TYR C 63 9.97 9.94 1.00
CA TYR C 63 8.71 9.32 0.63
C TYR C 63 7.78 9.20 1.84
N LYS C 64 8.28 8.57 2.91
CA LYS C 64 7.53 8.38 4.14
C LYS C 64 6.96 9.67 4.74
N VAL C 65 7.80 10.69 4.90
CA VAL C 65 7.33 11.96 5.45
C VAL C 65 6.30 12.67 4.55
N ARG C 66 6.61 12.73 3.25
CA ARG C 66 5.72 13.40 2.30
C ARG C 66 4.33 12.78 2.21
N TYR C 67 4.24 11.46 2.18
CA TYR C 67 2.96 10.78 2.06
C TYR C 67 2.24 10.38 3.35
N THR C 68 2.92 10.54 4.48
CA THR C 68 2.31 10.25 5.77
C THR C 68 1.53 11.52 6.14
N ASN C 69 2.07 12.66 5.76
CA ASN C 69 1.47 13.96 6.02
C ASN C 69 0.69 14.41 4.80
N SER C 70 -0.28 13.60 4.41
CA SER C 70 -1.09 13.88 3.25
C SER C 70 -2.19 12.83 3.20
N SER C 71 -3.23 13.11 2.41
CA SER C 71 -4.35 12.19 2.23
C SER C 71 -4.46 11.86 0.74
N THR C 72 -3.50 12.32 -0.03
CA THR C 72 -3.47 12.08 -1.47
C THR C 72 -2.94 10.67 -1.71
N GLU C 73 -3.49 10.01 -2.73
CA GLU C 73 -3.07 8.65 -3.06
C GLU C 73 -1.56 8.47 -2.97
N ILE C 74 -1.15 7.49 -2.19
CA ILE C 74 0.27 7.19 -1.98
C ILE C 74 0.79 6.30 -3.12
N PRO C 75 1.80 6.78 -3.85
CA PRO C 75 2.37 6.03 -4.96
C PRO C 75 3.21 4.85 -4.48
N GLU C 76 3.68 4.04 -5.41
CA GLU C 76 4.49 2.88 -5.07
C GLU C 76 5.95 3.23 -4.80
N PHE C 77 6.53 2.62 -3.79
CA PHE C 77 7.93 2.86 -3.50
C PHE C 77 8.72 1.82 -4.29
N PRO C 78 9.42 2.25 -5.35
CA PRO C 78 10.22 1.38 -6.21
C PRO C 78 11.40 0.71 -5.54
N ILE C 79 11.47 -0.61 -5.65
CA ILE C 79 12.56 -1.40 -5.08
C ILE C 79 12.97 -2.44 -6.12
N ALA C 80 14.13 -2.24 -6.75
CA ALA C 80 14.61 -3.18 -7.75
C ALA C 80 14.98 -4.50 -7.08
N PRO C 81 14.63 -5.63 -7.70
CA PRO C 81 14.92 -6.96 -7.16
C PRO C 81 16.38 -7.13 -6.73
N GLU C 82 17.28 -6.50 -7.47
CA GLU C 82 18.72 -6.59 -7.18
C GLU C 82 19.14 -6.08 -5.81
N ILE C 83 18.50 -5.01 -5.35
CA ILE C 83 18.85 -4.40 -4.06
C ILE C 83 17.97 -4.84 -2.88
N ALA C 84 16.83 -5.48 -3.18
CA ALA C 84 15.88 -5.90 -2.16
C ALA C 84 16.44 -6.58 -0.91
N LEU C 85 17.39 -7.49 -1.10
CA LEU C 85 17.96 -8.19 0.04
C LEU C 85 18.79 -7.27 0.93
N GLU C 86 19.64 -6.46 0.31
CA GLU C 86 20.47 -5.51 1.06
C GLU C 86 19.61 -4.43 1.70
N LEU C 87 18.59 -4.00 0.97
CA LEU C 87 17.68 -2.98 1.47
C LEU C 87 16.96 -3.50 2.71
N LEU C 88 16.58 -4.77 2.67
CA LEU C 88 15.87 -5.38 3.78
C LEU C 88 16.75 -5.41 5.02
N MET C 89 18.01 -5.81 4.86
CA MET C 89 18.90 -5.86 6.01
C MET C 89 19.11 -4.47 6.58
N ALA C 90 19.16 -3.46 5.70
CA ALA C 90 19.35 -2.09 6.16
C ALA C 90 18.08 -1.62 6.87
N ALA C 91 16.91 -1.93 6.30
CA ALA C 91 15.65 -1.51 6.91
C ALA C 91 15.47 -2.10 8.29
N ASN C 92 15.82 -3.38 8.45
CA ASN C 92 15.71 -4.06 9.73
C ASN C 92 16.63 -3.39 10.74
N PHE C 93 17.86 -3.13 10.33
CA PHE C 93 18.84 -2.50 11.19
C PHE C 93 18.43 -1.09 11.59
N LEU C 94 17.86 -0.36 10.64
CA LEU C 94 17.46 1.01 10.89
C LEU C 94 16.08 1.17 11.49
N ASP C 95 15.33 0.06 11.53
CA ASP C 95 13.98 0.07 12.06
C ASP C 95 13.10 1.12 11.38
N CYS C 96 12.79 0.88 10.11
CA CYS C 96 11.95 1.79 9.36
C CYS C 96 11.30 1.06 8.18
#